data_5JFW
#
_entry.id   5JFW
#
_cell.length_a   124.332
_cell.length_b   124.332
_cell.length_c   46.194
_cell.angle_alpha   90.00
_cell.angle_beta   90.00
_cell.angle_gamma   120.00
#
_symmetry.space_group_name_H-M   'P 64'
#
loop_
_entity.id
_entity.type
_entity.pdbx_description
1 polymer 'High affinity nerve growth factor receptor'
2 non-polymer 2-(4-cyanophenyl)-N-{5-[7-(propan-2-yl)-7H-pyrrolo[2,3-d]pyrimidine-5-carbonyl]pyridin-3-yl}acetamide
3 water water
#
_entity_poly.entity_id   1
_entity_poly.type   'polypeptide(L)'
_entity_poly.pdbx_seq_one_letter_code
;MHHHHHHLVPRGSVHHIKRRDIVLKWELGEGAFGKVFLAECHNLLPEQDKMLVAVKALKEASESARQDFQREAELLTMLQ
HQHIVRFFGVCTEGRPLLMVFEYMRHGDLNRFLRSHGPDAKLLAGGEDVAPGPLGLGQLLAVASQVAAGMVYLAGLHFVH
RDLATRNCLVGQGLVVKIGDFGMSRDIYSTDYYRVGGRTMLPIRWMPPESILYRKFTTESDVWSFGVVLWEIFTYGKQPW
YQLSNTEAIDCITQGRELERPRACPPEVYAIMRGCWQREPQQRHSIKDVHARLQALAQAPPVYLDVLG
;
_entity_poly.pdbx_strand_id   A
#
loop_
_chem_comp.id
_chem_comp.type
_chem_comp.name
_chem_comp.formula
6K2 non-polymer 2-(4-cyanophenyl)-N-{5-[7-(propan-2-yl)-7H-pyrrolo[2,3-d]pyrimidine-5-carbonyl]pyridin-3-yl}acetamide 'C24 H20 N6 O2'
#
# COMPACT_ATOMS: atom_id res chain seq x y z
N MET A 1 -1.25 13.61 -13.59
CA MET A 1 -1.40 12.87 -12.34
C MET A 1 -1.64 11.38 -12.58
N HIS A 2 -2.59 11.04 -13.48
CA HIS A 2 -2.96 9.65 -13.79
C HIS A 2 -2.59 9.27 -15.22
N HIS A 3 -1.70 10.03 -15.88
CA HIS A 3 -1.30 9.77 -17.26
C HIS A 3 -0.77 8.36 -17.50
N HIS A 4 -0.01 7.81 -16.54
CA HIS A 4 0.54 6.46 -16.61
C HIS A 4 -0.55 5.37 -16.54
N HIS A 5 -1.80 5.74 -16.14
CA HIS A 5 -2.92 4.80 -16.05
C HIS A 5 -3.87 4.92 -17.25
N HIS A 6 -3.47 5.64 -18.31
CA HIS A 6 -4.32 5.90 -19.48
C HIS A 6 -4.91 4.66 -20.15
N HIS A 7 -4.20 3.52 -20.07
CA HIS A 7 -4.63 2.25 -20.65
C HIS A 7 -5.76 1.56 -19.84
N LEU A 8 -6.02 2.05 -18.61
CA LEU A 8 -7.05 1.49 -17.74
C LEU A 8 -8.34 2.27 -17.93
N VAL A 9 -9.37 1.58 -18.46
CA VAL A 9 -10.65 2.19 -18.81
C VAL A 9 -11.78 1.63 -17.96
N PRO A 10 -12.52 2.49 -17.21
CA PRO A 10 -13.62 1.98 -16.38
C PRO A 10 -14.78 1.37 -17.17
N ARG A 11 -15.47 0.41 -16.56
CA ARG A 11 -16.68 -0.19 -17.14
C ARG A 11 -17.88 0.67 -16.76
N GLY A 12 -17.93 1.12 -15.51
CA GLY A 12 -19.06 1.89 -15.00
C GLY A 12 -18.74 3.12 -14.19
N SER A 13 -19.79 3.87 -13.92
CA SER A 13 -19.77 5.08 -13.13
C SER A 13 -19.43 4.77 -11.66
N VAL A 14 -18.87 5.75 -10.99
CA VAL A 14 -18.53 5.69 -9.58
C VAL A 14 -19.85 5.65 -8.76
N HIS A 15 -19.78 5.09 -7.54
CA HIS A 15 -20.91 5.06 -6.63
C HIS A 15 -21.04 6.46 -6.00
N HIS A 16 -22.26 7.02 -6.01
CA HIS A 16 -22.52 8.32 -5.40
C HIS A 16 -23.24 8.13 -4.08
N ILE A 17 -22.74 8.83 -3.03
CA ILE A 17 -23.28 8.78 -1.67
C ILE A 17 -23.81 10.17 -1.35
N LYS A 18 -25.06 10.24 -0.85
CA LYS A 18 -25.68 11.52 -0.47
C LYS A 18 -24.89 12.10 0.69
N ARG A 19 -24.64 13.40 0.68
CA ARG A 19 -23.89 14.05 1.78
C ARG A 19 -24.52 13.78 3.15
N ARG A 20 -25.87 13.81 3.24
CA ARG A 20 -26.56 13.59 4.52
C ARG A 20 -26.42 12.15 5.00
N ASP A 21 -25.89 11.24 4.17
CA ASP A 21 -25.67 9.87 4.64
C ASP A 21 -24.32 9.70 5.29
N ILE A 22 -23.49 10.76 5.30
CA ILE A 22 -22.16 10.71 5.93
C ILE A 22 -22.17 11.58 7.20
N VAL A 23 -21.74 11.00 8.31
CA VAL A 23 -21.70 11.74 9.58
C VAL A 23 -20.28 11.68 10.07
N LEU A 24 -19.55 12.80 9.96
CA LEU A 24 -18.14 12.83 10.34
C LEU A 24 -17.93 12.73 11.86
N LYS A 25 -16.95 11.91 12.27
CA LYS A 25 -16.64 11.70 13.69
C LYS A 25 -15.41 12.48 14.11
N TRP A 26 -14.23 11.97 13.81
CA TRP A 26 -12.99 12.67 14.17
C TRP A 26 -11.95 12.41 13.10
N GLU A 27 -10.91 13.22 13.08
CA GLU A 27 -9.81 13.08 12.14
C GLU A 27 -8.97 11.84 12.44
N LEU A 28 -8.55 11.12 11.39
CA LEU A 28 -7.66 9.95 11.53
C LEU A 28 -6.25 10.37 11.09
N GLY A 29 -6.21 11.35 10.19
CA GLY A 29 -4.98 11.93 9.67
C GLY A 29 -5.22 12.94 8.58
N GLU A 30 -4.14 13.37 7.92
CA GLU A 30 -4.22 14.27 6.77
C GLU A 30 -3.13 14.00 5.72
N GLY A 31 -2.30 14.99 5.41
CA GLY A 31 -1.22 14.86 4.45
C GLY A 31 -1.61 15.26 3.04
N ALA A 32 -1.74 14.25 2.16
CA ALA A 32 -2.04 14.43 0.73
C ALA A 32 -3.40 15.00 0.32
N PHE A 33 -3.50 16.34 0.29
CA PHE A 33 -4.66 17.11 -0.18
C PHE A 33 -6.13 16.76 0.24
N GLY A 34 -6.43 16.49 1.53
CA GLY A 34 -5.55 16.42 2.69
C GLY A 34 -6.13 15.57 3.81
N LYS A 35 -7.21 16.06 4.47
CA LYS A 35 -7.84 15.45 5.65
C LYS A 35 -8.62 14.12 5.51
N VAL A 36 -8.31 13.16 6.41
CA VAL A 36 -8.99 11.85 6.49
C VAL A 36 -9.76 11.77 7.82
N PHE A 37 -11.06 11.44 7.76
CA PHE A 37 -11.92 11.38 8.93
C PHE A 37 -12.53 10.02 9.11
N LEU A 38 -12.74 9.63 10.38
CA LEU A 38 -13.59 8.45 10.66
C LEU A 38 -15.02 9.02 10.54
N ALA A 39 -15.95 8.22 10.01
CA ALA A 39 -17.34 8.69 9.85
C ALA A 39 -18.28 7.51 9.91
N GLU A 40 -19.57 7.79 10.13
CA GLU A 40 -20.62 6.78 10.00
C GLU A 40 -21.21 7.03 8.61
N CYS A 41 -21.52 5.96 7.89
CA CYS A 41 -22.17 6.07 6.59
C CYS A 41 -23.45 5.25 6.62
N HIS A 42 -24.57 5.88 6.28
CA HIS A 42 -25.90 5.27 6.26
C HIS A 42 -26.28 4.89 4.84
N ASN A 43 -27.14 3.86 4.70
CA ASN A 43 -27.67 3.39 3.40
C ASN A 43 -26.59 2.95 2.40
N LEU A 44 -25.42 2.53 2.90
CA LEU A 44 -24.34 2.10 2.00
C LEU A 44 -24.42 0.60 1.73
N LEU A 45 -24.38 -0.20 2.80
CA LEU A 45 -24.49 -1.65 2.69
C LEU A 45 -25.81 -2.11 3.28
N PRO A 46 -26.54 -2.99 2.57
CA PRO A 46 -27.85 -3.46 3.08
C PRO A 46 -27.84 -4.01 4.51
N GLU A 47 -26.84 -4.86 4.84
CA GLU A 47 -26.72 -5.56 6.13
C GLU A 47 -26.68 -4.67 7.37
N GLN A 48 -26.11 -3.46 7.25
CA GLN A 48 -25.97 -2.53 8.37
C GLN A 48 -26.55 -1.15 8.10
N ASP A 49 -27.48 -0.69 8.98
CA ASP A 49 -28.12 0.64 8.91
C ASP A 49 -27.03 1.72 8.89
N LYS A 50 -26.12 1.66 9.88
CA LYS A 50 -24.97 2.54 9.96
C LYS A 50 -23.68 1.74 10.07
N MET A 51 -22.62 2.27 9.50
CA MET A 51 -21.32 1.59 9.48
C MET A 51 -20.21 2.60 9.50
N LEU A 52 -19.06 2.22 10.07
CA LEU A 52 -17.89 3.09 10.07
C LEU A 52 -17.20 3.04 8.73
N VAL A 53 -16.73 4.20 8.27
CA VAL A 53 -15.99 4.37 7.01
C VAL A 53 -14.89 5.41 7.26
N ALA A 54 -13.96 5.55 6.30
CA ALA A 54 -12.92 6.58 6.34
C ALA A 54 -13.26 7.50 5.19
N VAL A 55 -13.26 8.80 5.45
CA VAL A 55 -13.65 9.80 4.47
C VAL A 55 -12.51 10.76 4.22
N LYS A 56 -12.14 10.92 2.94
CA LYS A 56 -11.13 11.90 2.56
C LYS A 56 -11.81 13.12 1.92
N ALA A 57 -11.51 14.33 2.45
CA ALA A 57 -12.08 15.57 1.96
C ALA A 57 -11.08 16.27 1.04
N LEU A 58 -11.47 16.54 -0.22
CA LEU A 58 -10.62 17.22 -1.20
C LEU A 58 -10.49 18.70 -0.82
N LYS A 59 -9.25 19.20 -0.76
CA LYS A 59 -8.98 20.60 -0.41
C LYS A 59 -9.29 21.60 -1.52
N GLU A 60 -8.83 21.33 -2.76
CA GLU A 60 -8.97 22.20 -3.94
C GLU A 60 -10.40 22.31 -4.52
N ALA A 61 -10.67 23.41 -5.26
CA ALA A 61 -11.98 23.71 -5.86
C ALA A 61 -12.32 23.12 -7.28
N SER A 62 -11.49 23.27 -8.35
CA SER A 62 -10.17 23.90 -8.48
C SER A 62 -9.98 24.70 -9.79
N GLU A 63 -10.43 24.23 -11.00
CA GLU A 63 -11.18 23.01 -11.33
C GLU A 63 -10.38 21.93 -12.09
N SER A 64 -9.04 21.96 -11.94
CA SER A 64 -8.13 20.97 -12.53
C SER A 64 -8.21 19.72 -11.66
N ALA A 65 -8.20 19.91 -10.32
CA ALA A 65 -8.27 18.84 -9.32
C ALA A 65 -9.62 18.10 -9.34
N ARG A 66 -10.68 18.73 -9.89
CA ARG A 66 -12.02 18.15 -10.04
C ARG A 66 -11.95 17.03 -11.10
N GLN A 67 -11.18 17.27 -12.20
CA GLN A 67 -10.95 16.31 -13.28
C GLN A 67 -10.11 15.14 -12.74
N ASP A 68 -9.05 15.47 -11.95
CA ASP A 68 -8.19 14.48 -11.30
C ASP A 68 -9.02 13.67 -10.31
N PHE A 69 -9.93 14.34 -9.55
CA PHE A 69 -10.84 13.71 -8.58
C PHE A 69 -11.71 12.66 -9.28
N GLN A 70 -12.35 13.04 -10.39
CA GLN A 70 -13.21 12.10 -11.10
C GLN A 70 -12.42 10.93 -11.67
N ARG A 71 -11.24 11.19 -12.27
CA ARG A 71 -10.44 10.11 -12.84
C ARG A 71 -9.94 9.16 -11.75
N GLU A 72 -9.48 9.72 -10.61
CA GLU A 72 -9.02 8.92 -9.48
C GLU A 72 -10.18 8.02 -8.99
N ALA A 73 -11.37 8.60 -8.81
CA ALA A 73 -12.53 7.84 -8.32
C ALA A 73 -12.87 6.73 -9.32
N GLU A 74 -12.81 7.03 -10.62
CA GLU A 74 -13.10 6.00 -11.64
C GLU A 74 -12.12 4.82 -11.60
N LEU A 75 -10.83 5.11 -11.35
CA LEU A 75 -9.80 4.07 -11.26
C LEU A 75 -9.95 3.26 -9.97
N LEU A 76 -10.22 3.94 -8.84
CA LEU A 76 -10.38 3.27 -7.55
C LEU A 76 -11.58 2.34 -7.55
N THR A 77 -12.65 2.69 -8.29
CA THR A 77 -13.79 1.76 -8.30
C THR A 77 -13.48 0.46 -9.03
N MET A 78 -12.45 0.48 -9.90
CA MET A 78 -12.02 -0.72 -10.62
C MET A 78 -11.22 -1.68 -9.75
N LEU A 79 -10.60 -1.18 -8.68
CA LEU A 79 -9.69 -1.99 -7.85
C LEU A 79 -10.50 -2.78 -6.84
N GLN A 80 -10.72 -4.06 -7.16
CA GLN A 80 -11.58 -4.94 -6.37
C GLN A 80 -10.84 -6.22 -6.05
N HIS A 81 -10.22 -6.25 -4.86
CA HIS A 81 -9.45 -7.41 -4.42
C HIS A 81 -9.37 -7.43 -2.91
N GLN A 82 -9.23 -8.64 -2.37
CA GLN A 82 -9.16 -8.89 -0.93
C GLN A 82 -8.04 -8.12 -0.24
N HIS A 83 -6.97 -7.85 -0.98
CA HIS A 83 -5.79 -7.17 -0.42
C HIS A 83 -5.46 -5.81 -0.99
N ILE A 84 -6.49 -5.15 -1.57
CA ILE A 84 -6.41 -3.79 -2.10
C ILE A 84 -7.49 -2.97 -1.38
N VAL A 85 -7.13 -1.76 -0.95
CA VAL A 85 -8.06 -0.84 -0.30
C VAL A 85 -9.39 -0.80 -1.04
N ARG A 86 -10.47 -0.86 -0.27
CA ARG A 86 -11.84 -0.88 -0.80
C ARG A 86 -12.45 0.52 -0.85
N PHE A 87 -12.75 0.99 -2.06
CA PHE A 87 -13.32 2.31 -2.28
C PHE A 87 -14.83 2.19 -2.39
N PHE A 88 -15.57 2.97 -1.58
CA PHE A 88 -17.03 2.94 -1.57
C PHE A 88 -17.74 3.96 -2.45
N GLY A 89 -17.08 5.07 -2.78
CA GLY A 89 -17.72 6.05 -3.65
C GLY A 89 -17.40 7.47 -3.30
N VAL A 90 -18.13 8.38 -3.94
CA VAL A 90 -17.90 9.82 -3.78
C VAL A 90 -19.14 10.55 -3.28
N CYS A 91 -18.92 11.73 -2.73
CA CYS A 91 -19.99 12.65 -2.45
C CYS A 91 -19.60 13.95 -3.14
N THR A 92 -20.40 14.34 -4.14
CA THR A 92 -20.21 15.49 -5.01
C THR A 92 -21.22 16.61 -4.67
N GLU A 93 -22.17 16.34 -3.76
CA GLU A 93 -23.14 17.38 -3.38
C GLU A 93 -22.56 18.32 -2.35
N GLY A 94 -22.36 19.57 -2.78
CA GLY A 94 -21.77 20.60 -1.96
C GLY A 94 -20.26 20.50 -1.90
N ARG A 95 -19.65 21.40 -1.10
CA ARG A 95 -18.20 21.45 -0.93
C ARG A 95 -17.81 21.21 0.54
N PRO A 96 -16.67 20.51 0.80
CA PRO A 96 -15.71 19.95 -0.15
C PRO A 96 -16.19 18.61 -0.73
N LEU A 97 -15.51 18.17 -1.79
CA LEU A 97 -15.79 16.87 -2.41
C LEU A 97 -15.24 15.80 -1.49
N LEU A 98 -15.99 14.68 -1.36
CA LEU A 98 -15.57 13.59 -0.49
C LEU A 98 -15.38 12.27 -1.21
N MET A 99 -14.39 11.50 -0.72
CA MET A 99 -14.09 10.13 -1.13
C MET A 99 -14.26 9.25 0.09
N VAL A 100 -14.99 8.14 -0.08
CA VAL A 100 -15.33 7.24 1.04
C VAL A 100 -14.65 5.89 0.82
N PHE A 101 -13.97 5.42 1.86
CA PHE A 101 -13.24 4.17 1.87
C PHE A 101 -13.65 3.32 3.05
N GLU A 102 -13.31 2.04 2.98
CA GLU A 102 -13.52 1.13 4.10
C GLU A 102 -12.69 1.58 5.31
N TYR A 103 -13.28 1.48 6.52
CA TYR A 103 -12.54 1.79 7.74
C TYR A 103 -11.71 0.55 8.11
N MET A 104 -10.40 0.76 8.30
CA MET A 104 -9.46 -0.30 8.68
C MET A 104 -9.01 0.03 10.11
N ARG A 105 -9.58 -0.67 11.09
CA ARG A 105 -9.47 -0.32 12.52
C ARG A 105 -8.08 -0.24 13.14
N HIS A 106 -7.12 -0.99 12.57
CA HIS A 106 -5.75 -1.01 13.12
C HIS A 106 -4.77 -0.02 12.48
N GLY A 107 -5.28 0.81 11.55
CA GLY A 107 -4.51 1.88 10.90
C GLY A 107 -3.40 1.43 9.98
N ASP A 108 -2.44 2.32 9.74
CA ASP A 108 -1.40 1.97 8.79
C ASP A 108 -0.44 0.90 9.28
N LEU A 109 0.04 0.09 8.33
CA LEU A 109 0.90 -1.05 8.63
C LEU A 109 2.28 -0.62 9.19
N ASN A 110 2.82 0.54 8.78
CA ASN A 110 4.13 0.94 9.34
C ASN A 110 4.01 1.18 10.87
N ARG A 111 2.95 1.90 11.29
CA ARG A 111 2.73 2.15 12.71
C ARG A 111 2.42 0.85 13.45
N PHE A 112 1.68 -0.06 12.76
CA PHE A 112 1.32 -1.33 13.32
C PHE A 112 2.57 -2.18 13.61
N LEU A 113 3.52 -2.25 12.64
CA LEU A 113 4.77 -3.00 12.81
C LEU A 113 5.56 -2.40 13.98
N ARG A 114 5.69 -1.05 14.00
CA ARG A 114 6.46 -0.37 15.07
C ARG A 114 5.88 -0.59 16.49
N SER A 115 4.56 -0.64 16.61
CA SER A 115 3.87 -0.84 17.89
C SER A 115 3.73 -2.31 18.32
N HIS A 116 4.08 -3.26 17.43
CA HIS A 116 4.03 -4.71 17.70
C HIS A 116 5.41 -5.35 17.45
N GLY A 117 6.46 -4.61 17.82
CA GLY A 117 7.83 -5.01 17.67
C GLY A 117 8.29 -5.88 18.84
N PRO A 118 9.58 -6.28 18.85
CA PRO A 118 10.08 -7.18 19.92
C PRO A 118 9.87 -6.69 21.35
N VAL A 129 -7.24 -6.42 18.59
CA VAL A 129 -5.88 -6.89 18.34
C VAL A 129 -5.29 -7.61 19.57
N ALA A 130 -4.25 -8.44 19.34
CA ALA A 130 -3.51 -9.13 20.39
C ALA A 130 -2.22 -8.33 20.63
N PRO A 131 -2.14 -7.50 21.70
CA PRO A 131 -0.93 -6.69 21.92
C PRO A 131 0.29 -7.52 22.33
N GLY A 132 1.38 -7.29 21.63
CA GLY A 132 2.65 -7.99 21.85
C GLY A 132 3.49 -8.06 20.58
N PRO A 133 4.64 -8.76 20.61
CA PRO A 133 5.50 -8.82 19.41
C PRO A 133 4.94 -9.72 18.32
N LEU A 134 5.04 -9.30 17.04
CA LEU A 134 4.56 -10.17 15.97
C LEU A 134 5.57 -11.31 15.80
N GLY A 135 5.07 -12.53 15.66
CA GLY A 135 5.92 -13.69 15.45
C GLY A 135 6.18 -13.89 13.98
N LEU A 136 7.12 -14.82 13.66
CA LEU A 136 7.48 -15.16 12.29
C LEU A 136 6.26 -15.47 11.40
N GLY A 137 5.37 -16.34 11.87
CA GLY A 137 4.16 -16.67 11.09
C GLY A 137 3.33 -15.43 10.75
N GLN A 138 3.20 -14.51 11.71
CA GLN A 138 2.45 -13.28 11.50
C GLN A 138 3.13 -12.37 10.48
N LEU A 139 4.48 -12.21 10.59
CA LEU A 139 5.21 -11.37 9.61
C LEU A 139 5.06 -11.97 8.20
N LEU A 140 5.15 -13.31 8.08
CA LEU A 140 4.96 -13.96 6.78
C LEU A 140 3.56 -13.78 6.28
N ALA A 141 2.55 -13.82 7.18
CA ALA A 141 1.16 -13.61 6.75
C ALA A 141 0.93 -12.19 6.21
N VAL A 142 1.54 -11.19 6.86
CA VAL A 142 1.44 -9.79 6.38
C VAL A 142 2.09 -9.70 4.98
N ALA A 143 3.30 -10.25 4.84
CA ALA A 143 4.04 -10.19 3.57
C ALA A 143 3.27 -10.90 2.45
N SER A 144 2.68 -12.08 2.75
CA SER A 144 1.91 -12.84 1.76
C SER A 144 0.71 -12.02 1.25
N GLN A 145 0.04 -11.31 2.15
CA GLN A 145 -1.14 -10.51 1.81
C GLN A 145 -0.77 -9.35 0.92
N VAL A 146 0.34 -8.64 1.23
CA VAL A 146 0.76 -7.53 0.38
C VAL A 146 1.11 -8.11 -0.99
N ALA A 147 1.85 -9.23 -1.03
CA ALA A 147 2.24 -9.81 -2.31
C ALA A 147 1.02 -10.23 -3.12
N ALA A 148 -0.05 -10.72 -2.44
CA ALA A 148 -1.29 -11.11 -3.14
C ALA A 148 -1.92 -9.89 -3.84
N GLY A 149 -1.95 -8.76 -3.12
CA GLY A 149 -2.47 -7.51 -3.66
C GLY A 149 -1.69 -7.12 -4.90
N MET A 150 -0.33 -7.23 -4.83
N MET A 150 -0.36 -7.24 -4.85
CA MET A 150 0.55 -6.88 -5.95
CA MET A 150 0.48 -6.89 -5.99
C MET A 150 0.38 -7.82 -7.16
C MET A 150 0.29 -7.82 -7.19
N VAL A 151 0.01 -9.11 -6.93
CA VAL A 151 -0.26 -10.05 -8.05
C VAL A 151 -1.51 -9.53 -8.80
N TYR A 152 -2.51 -9.11 -8.04
CA TYR A 152 -3.74 -8.58 -8.62
C TYR A 152 -3.42 -7.34 -9.47
N LEU A 153 -2.66 -6.39 -8.91
CA LEU A 153 -2.29 -5.17 -9.64
C LEU A 153 -1.52 -5.50 -10.92
N ALA A 154 -0.54 -6.46 -10.85
CA ALA A 154 0.21 -6.82 -12.06
C ALA A 154 -0.73 -7.38 -13.16
N GLY A 155 -1.75 -8.12 -12.75
CA GLY A 155 -2.72 -8.71 -13.67
C GLY A 155 -3.57 -7.68 -14.38
N LEU A 156 -3.79 -6.54 -13.70
CA LEU A 156 -4.56 -5.40 -14.24
C LEU A 156 -3.64 -4.47 -15.02
N HIS A 157 -2.30 -4.71 -15.00
CA HIS A 157 -1.31 -3.83 -15.62
C HIS A 157 -1.34 -2.45 -14.90
N PHE A 158 -1.63 -2.47 -13.58
CA PHE A 158 -1.67 -1.26 -12.75
C PHE A 158 -0.29 -1.18 -12.06
N VAL A 159 0.38 -0.05 -12.18
CA VAL A 159 1.68 0.18 -11.53
C VAL A 159 1.38 1.12 -10.38
N HIS A 160 1.68 0.67 -9.14
CA HIS A 160 1.38 1.43 -7.94
C HIS A 160 2.26 2.68 -7.78
N ARG A 161 3.60 2.51 -7.88
CA ARG A 161 4.62 3.57 -7.79
C ARG A 161 5.00 4.03 -6.38
N ASP A 162 4.27 3.62 -5.34
CA ASP A 162 4.66 4.01 -3.98
C ASP A 162 4.31 2.92 -2.97
N LEU A 163 4.75 1.69 -3.26
CA LEU A 163 4.48 0.61 -2.33
C LEU A 163 5.44 0.76 -1.13
N ALA A 164 4.84 0.80 0.04
CA ALA A 164 5.58 1.01 1.31
C ALA A 164 4.62 0.62 2.40
N THR A 165 5.10 0.22 3.59
CA THR A 165 4.18 -0.19 4.64
C THR A 165 3.27 0.97 5.11
N ARG A 166 3.77 2.22 5.04
CA ARG A 166 2.93 3.40 5.42
C ARG A 166 1.67 3.51 4.54
N ASN A 167 1.71 2.91 3.33
CA ASN A 167 0.60 2.92 2.38
C ASN A 167 -0.29 1.68 2.47
N CYS A 168 -0.08 0.81 3.48
CA CYS A 168 -0.95 -0.34 3.69
C CYS A 168 -1.73 -0.13 4.97
N LEU A 169 -2.91 -0.76 5.04
CA LEU A 169 -3.79 -0.69 6.22
C LEU A 169 -4.00 -2.06 6.83
N VAL A 170 -4.28 -2.09 8.14
CA VAL A 170 -4.52 -3.34 8.87
C VAL A 170 -5.95 -3.26 9.42
N GLY A 171 -6.75 -4.26 9.09
CA GLY A 171 -8.14 -4.35 9.54
C GLY A 171 -8.37 -5.49 10.50
N GLN A 172 -9.65 -5.78 10.76
CA GLN A 172 -10.07 -6.86 11.66
C GLN A 172 -9.40 -8.18 11.27
N GLY A 173 -8.87 -8.88 12.27
CA GLY A 173 -8.20 -10.16 12.10
C GLY A 173 -6.88 -10.10 11.37
N LEU A 174 -6.19 -8.92 11.42
CA LEU A 174 -4.87 -8.72 10.80
C LEU A 174 -4.95 -8.83 9.27
N VAL A 175 -6.08 -8.43 8.66
CA VAL A 175 -6.24 -8.41 7.19
C VAL A 175 -5.47 -7.16 6.74
N VAL A 176 -4.61 -7.33 5.72
CA VAL A 176 -3.80 -6.23 5.20
C VAL A 176 -4.26 -5.87 3.80
N LYS A 177 -4.38 -4.55 3.53
CA LYS A 177 -4.76 -4.04 2.23
C LYS A 177 -3.82 -2.91 1.77
N ILE A 178 -3.52 -2.90 0.47
CA ILE A 178 -2.66 -1.86 -0.13
C ILE A 178 -3.50 -0.64 -0.56
N GLY A 179 -3.05 0.54 -0.15
CA GLY A 179 -3.64 1.79 -0.60
C GLY A 179 -2.55 2.77 -1.02
N ASP A 180 -2.88 4.06 -1.01
CA ASP A 180 -1.88 5.10 -1.30
C ASP A 180 -2.43 6.36 -0.65
N PHE A 181 -1.79 6.77 0.46
CA PHE A 181 -2.26 7.90 1.24
C PHE A 181 -1.46 9.17 1.00
N GLY A 182 -0.49 9.10 0.07
CA GLY A 182 0.38 10.20 -0.32
C GLY A 182 1.39 10.55 0.75
N LEU A 201 9.58 12.37 -3.57
CA LEU A 201 9.62 11.01 -4.11
C LEU A 201 10.05 9.98 -3.05
N PRO A 202 9.44 8.77 -3.03
CA PRO A 202 9.82 7.76 -2.02
C PRO A 202 11.10 7.06 -2.46
N ILE A 203 12.16 7.86 -2.62
CA ILE A 203 13.44 7.43 -3.15
C ILE A 203 14.00 6.16 -2.53
N ARG A 204 13.90 6.03 -1.20
CA ARG A 204 14.47 4.88 -0.50
C ARG A 204 13.83 3.55 -0.93
N TRP A 205 12.61 3.59 -1.49
CA TRP A 205 11.91 2.36 -1.93
C TRP A 205 12.06 2.09 -3.43
N MET A 206 12.72 3.01 -4.14
CA MET A 206 12.82 2.94 -5.59
C MET A 206 14.07 2.26 -6.12
N PRO A 207 13.94 1.59 -7.30
CA PRO A 207 15.14 1.03 -7.95
C PRO A 207 15.89 2.12 -8.71
N PRO A 208 17.13 1.81 -9.16
CA PRO A 208 17.90 2.81 -9.91
C PRO A 208 17.18 3.42 -11.13
N GLU A 209 16.49 2.58 -11.92
CA GLU A 209 15.83 3.10 -13.13
C GLU A 209 14.68 4.07 -12.82
N SER A 210 14.04 3.90 -11.64
CA SER A 210 12.96 4.81 -11.26
C SER A 210 13.55 6.10 -10.79
N ILE A 211 14.65 6.03 -10.02
CA ILE A 211 15.29 7.24 -9.52
C ILE A 211 15.86 8.04 -10.70
N LEU A 212 16.63 7.37 -11.57
CA LEU A 212 17.35 8.05 -12.64
C LEU A 212 16.51 8.42 -13.84
N TYR A 213 15.57 7.55 -14.21
CA TYR A 213 14.84 7.75 -15.46
C TYR A 213 13.32 7.84 -15.30
N ARG A 214 12.81 7.86 -14.05
CA ARG A 214 11.39 7.89 -13.74
C ARG A 214 10.66 6.75 -14.51
N LYS A 215 11.31 5.57 -14.60
CA LYS A 215 10.71 4.42 -15.27
C LYS A 215 10.02 3.60 -14.19
N PHE A 216 8.68 3.63 -14.19
CA PHE A 216 7.85 2.92 -13.22
C PHE A 216 7.10 1.81 -13.92
N THR A 217 7.36 0.56 -13.52
CA THR A 217 6.82 -0.62 -14.18
C THR A 217 6.44 -1.64 -13.12
N THR A 218 5.85 -2.77 -13.57
CA THR A 218 5.59 -3.92 -12.68
C THR A 218 6.94 -4.29 -12.00
N GLU A 219 8.06 -4.18 -12.75
CA GLU A 219 9.38 -4.53 -12.22
C GLU A 219 9.90 -3.55 -11.14
N SER A 220 9.59 -2.24 -11.27
CA SER A 220 9.98 -1.33 -10.18
C SER A 220 9.08 -1.56 -8.97
N ASP A 221 7.81 -1.98 -9.21
CA ASP A 221 6.96 -2.30 -8.06
C ASP A 221 7.52 -3.53 -7.31
N VAL A 222 8.03 -4.54 -8.05
CA VAL A 222 8.54 -5.72 -7.34
C VAL A 222 9.77 -5.34 -6.50
N TRP A 223 10.61 -4.40 -7.00
CA TRP A 223 11.78 -3.95 -6.23
C TRP A 223 11.25 -3.33 -4.91
N SER A 224 10.24 -2.44 -5.03
CA SER A 224 9.66 -1.82 -3.83
C SER A 224 9.05 -2.86 -2.91
N PHE A 225 8.48 -3.96 -3.47
CA PHE A 225 7.95 -5.01 -2.61
C PHE A 225 9.10 -5.63 -1.80
N GLY A 226 10.27 -5.79 -2.41
CA GLY A 226 11.44 -6.30 -1.68
C GLY A 226 11.78 -5.38 -0.51
N VAL A 227 11.68 -4.07 -0.72
CA VAL A 227 11.88 -3.09 0.35
C VAL A 227 10.78 -3.23 1.41
N VAL A 228 9.51 -3.47 0.99
CA VAL A 228 8.42 -3.66 1.98
C VAL A 228 8.75 -4.90 2.83
N LEU A 229 9.27 -5.98 2.21
CA LEU A 229 9.64 -7.18 2.95
C LEU A 229 10.66 -6.82 4.03
N TRP A 230 11.64 -5.99 3.64
CA TRP A 230 12.67 -5.51 4.57
C TRP A 230 12.01 -4.69 5.70
N GLU A 231 11.06 -3.81 5.37
CA GLU A 231 10.37 -3.07 6.44
C GLU A 231 9.63 -4.03 7.39
N ILE A 232 8.95 -5.07 6.86
CA ILE A 232 8.19 -5.99 7.69
C ILE A 232 9.12 -6.68 8.67
N PHE A 233 10.25 -7.19 8.14
CA PHE A 233 11.22 -7.94 8.90
C PHE A 233 12.13 -7.13 9.82
N THR A 234 12.03 -5.78 9.74
CA THR A 234 12.75 -4.88 10.67
C THR A 234 11.71 -4.22 11.61
N TYR A 235 10.42 -4.65 11.55
CA TYR A 235 9.35 -4.07 12.37
C TYR A 235 9.17 -2.55 12.08
N GLY A 236 9.26 -2.20 10.79
CA GLY A 236 8.96 -0.86 10.30
C GLY A 236 10.08 0.16 10.32
N LYS A 237 11.34 -0.30 10.37
CA LYS A 237 12.49 0.60 10.32
C LYS A 237 12.54 1.24 8.91
N GLN A 238 13.08 2.47 8.81
CA GLN A 238 13.19 3.17 7.56
C GLN A 238 14.32 2.54 6.71
N PRO A 239 14.09 2.27 5.40
CA PRO A 239 15.18 1.70 4.58
C PRO A 239 16.32 2.71 4.49
N TRP A 240 17.56 2.23 4.59
CA TRP A 240 18.76 3.08 4.53
C TRP A 240 18.75 4.12 5.66
N TYR A 241 18.22 3.73 6.85
CA TYR A 241 18.11 4.66 8.00
C TYR A 241 19.45 5.28 8.41
N GLN A 242 20.57 4.61 8.11
CA GLN A 242 21.90 5.11 8.46
C GLN A 242 22.39 6.22 7.50
N LEU A 243 21.62 6.51 6.43
CA LEU A 243 22.04 7.46 5.40
C LEU A 243 21.14 8.66 5.25
N SER A 244 21.73 9.79 4.83
CA SER A 244 20.93 10.98 4.48
C SER A 244 20.18 10.69 3.15
N ASN A 245 19.22 11.55 2.77
CA ASN A 245 18.48 11.38 1.52
C ASN A 245 19.43 11.34 0.30
N THR A 246 20.46 12.22 0.29
CA THR A 246 21.47 12.27 -0.79
C THR A 246 22.32 11.03 -0.77
N GLU A 247 22.73 10.55 0.42
CA GLU A 247 23.58 9.36 0.50
C GLU A 247 22.80 8.14 0.02
N ALA A 248 21.50 8.06 0.41
CA ALA A 248 20.66 6.95 -0.03
C ALA A 248 20.52 6.92 -1.57
N ILE A 249 20.29 8.07 -2.23
CA ILE A 249 20.12 8.11 -3.71
C ILE A 249 21.38 7.56 -4.36
N ASP A 250 22.53 8.07 -3.95
CA ASP A 250 23.78 7.63 -4.54
C ASP A 250 24.03 6.15 -4.29
N CYS A 251 23.83 5.66 -3.06
N CYS A 251 23.80 5.70 -3.05
CA CYS A 251 24.01 4.25 -2.74
CA CYS A 251 23.90 4.31 -2.57
C CYS A 251 23.07 3.33 -3.56
C CYS A 251 23.06 3.37 -3.47
N ILE A 252 21.79 3.72 -3.71
CA ILE A 252 20.90 2.91 -4.55
C ILE A 252 21.38 2.88 -6.01
N THR A 253 21.69 4.06 -6.58
CA THR A 253 22.13 4.13 -7.99
C THR A 253 23.46 3.42 -8.23
N GLN A 254 24.33 3.34 -7.20
CA GLN A 254 25.63 2.65 -7.34
C GLN A 254 25.52 1.13 -7.12
N GLY A 255 24.36 0.65 -6.66
CA GLY A 255 24.12 -0.77 -6.51
C GLY A 255 24.26 -1.39 -5.12
N ARG A 256 24.23 -0.58 -4.06
CA ARG A 256 24.33 -1.16 -2.71
C ARG A 256 23.03 -1.85 -2.31
N GLU A 257 23.14 -2.93 -1.52
CA GLU A 257 22.00 -3.74 -1.07
C GLU A 257 21.75 -3.61 0.43
N LEU A 258 20.47 -3.54 0.81
CA LEU A 258 20.05 -3.51 2.21
C LEU A 258 20.48 -4.80 2.90
N GLU A 259 20.94 -4.68 4.15
CA GLU A 259 21.38 -5.84 4.90
C GLU A 259 20.20 -6.71 5.33
N ARG A 260 20.45 -8.02 5.49
CA ARG A 260 19.47 -8.95 6.00
C ARG A 260 19.09 -8.64 7.47
N PRO A 261 17.79 -8.35 7.71
CA PRO A 261 17.35 -8.09 9.09
C PRO A 261 17.55 -9.32 10.00
N ARG A 262 17.72 -9.07 11.31
CA ARG A 262 17.89 -10.13 12.31
C ARG A 262 16.73 -11.15 12.32
N ALA A 263 15.47 -10.66 12.20
CA ALA A 263 14.25 -11.51 12.25
C ALA A 263 13.95 -12.23 10.93
N CYS A 264 14.74 -11.91 9.89
CA CYS A 264 14.55 -12.44 8.54
C CYS A 264 15.20 -13.83 8.30
N PRO A 265 14.41 -14.90 8.04
CA PRO A 265 15.05 -16.19 7.72
C PRO A 265 15.77 -16.14 6.34
N PRO A 266 16.74 -17.05 6.09
CA PRO A 266 17.42 -17.05 4.77
C PRO A 266 16.45 -17.13 3.56
N GLU A 267 15.37 -17.91 3.68
CA GLU A 267 14.33 -18.09 2.62
C GLU A 267 13.73 -16.75 2.23
N VAL A 268 13.49 -15.90 3.23
CA VAL A 268 12.91 -14.58 3.00
C VAL A 268 13.93 -13.60 2.41
N TYR A 269 15.17 -13.62 2.90
CA TYR A 269 16.20 -12.74 2.31
C TYR A 269 16.43 -13.09 0.84
N ALA A 270 16.35 -14.39 0.46
CA ALA A 270 16.52 -14.79 -0.95
C ALA A 270 15.43 -14.13 -1.82
N ILE A 271 14.22 -13.98 -1.26
CA ILE A 271 13.12 -13.29 -1.95
C ILE A 271 13.49 -11.83 -2.17
N MET A 272 13.96 -11.15 -1.12
CA MET A 272 14.41 -9.75 -1.22
C MET A 272 15.47 -9.62 -2.31
N ARG A 273 16.50 -10.50 -2.31
CA ARG A 273 17.54 -10.43 -3.35
C ARG A 273 16.99 -10.63 -4.75
N GLY A 274 15.97 -11.49 -4.90
CA GLY A 274 15.31 -11.71 -6.18
C GLY A 274 14.59 -10.47 -6.69
N CYS A 275 13.98 -9.70 -5.76
CA CYS A 275 13.26 -8.46 -6.05
C CYS A 275 14.25 -7.36 -6.44
N TRP A 276 15.49 -7.45 -5.95
CA TRP A 276 16.53 -6.42 -6.09
C TRP A 276 17.56 -6.64 -7.16
N GLN A 277 17.29 -7.51 -8.14
CA GLN A 277 18.23 -7.70 -9.26
C GLN A 277 18.38 -6.34 -9.96
N ARG A 278 19.61 -5.93 -10.31
CA ARG A 278 19.82 -4.62 -10.95
C ARG A 278 19.03 -4.49 -12.26
N GLU A 279 19.03 -5.56 -13.08
CA GLU A 279 18.34 -5.59 -14.36
C GLU A 279 16.86 -5.84 -14.11
N PRO A 280 15.95 -4.93 -14.53
CA PRO A 280 14.52 -5.16 -14.23
C PRO A 280 14.00 -6.50 -14.74
N GLN A 281 14.46 -6.95 -15.92
CA GLN A 281 14.00 -8.21 -16.51
C GLN A 281 14.46 -9.46 -15.77
N GLN A 282 15.45 -9.31 -14.89
CA GLN A 282 16.01 -10.38 -14.09
C GLN A 282 15.31 -10.51 -12.74
N ARG A 283 14.49 -9.50 -12.35
CA ARG A 283 13.80 -9.56 -11.07
C ARG A 283 12.78 -10.67 -11.07
N HIS A 284 12.60 -11.30 -9.91
CA HIS A 284 11.62 -12.36 -9.77
C HIS A 284 10.24 -11.82 -10.02
N SER A 285 9.35 -12.68 -10.54
CA SER A 285 7.99 -12.25 -10.83
C SER A 285 7.18 -12.19 -9.54
N ILE A 286 6.24 -11.23 -9.46
CA ILE A 286 5.40 -11.13 -8.28
C ILE A 286 4.58 -12.41 -8.04
N LYS A 287 4.18 -13.13 -9.12
CA LYS A 287 3.45 -14.40 -8.93
C LYS A 287 4.33 -15.40 -8.16
N ASP A 288 5.63 -15.45 -8.49
CA ASP A 288 6.53 -16.39 -7.80
C ASP A 288 6.85 -15.94 -6.38
N VAL A 289 7.05 -14.63 -6.18
CA VAL A 289 7.31 -14.05 -4.86
C VAL A 289 6.10 -14.34 -3.94
N HIS A 290 4.86 -14.08 -4.42
CA HIS A 290 3.66 -14.37 -3.65
C HIS A 290 3.54 -15.87 -3.32
N ALA A 291 3.72 -16.75 -4.34
CA ALA A 291 3.64 -18.21 -4.14
C ALA A 291 4.69 -18.68 -3.11
N ARG A 292 5.93 -18.14 -3.19
CA ARG A 292 6.99 -18.48 -2.22
C ARG A 292 6.58 -18.06 -0.77
N LEU A 293 6.04 -16.84 -0.61
CA LEU A 293 5.61 -16.34 0.69
C LEU A 293 4.44 -17.15 1.23
N GLN A 294 3.51 -17.57 0.36
CA GLN A 294 2.38 -18.44 0.75
C GLN A 294 2.94 -19.76 1.30
N ALA A 295 3.91 -20.37 0.59
CA ALA A 295 4.52 -21.61 1.02
C ALA A 295 5.15 -21.43 2.41
N LEU A 296 5.90 -20.33 2.60
CA LEU A 296 6.54 -20.06 3.90
C LEU A 296 5.52 -19.75 4.99
N ALA A 297 4.51 -18.92 4.69
CA ALA A 297 3.47 -18.52 5.67
C ALA A 297 2.65 -19.71 6.16
N GLN A 298 2.37 -20.68 5.26
CA GLN A 298 1.56 -21.88 5.60
C GLN A 298 2.39 -22.89 6.41
N ALA A 299 3.72 -22.75 6.41
CA ALA A 299 4.61 -23.57 7.22
C ALA A 299 4.56 -22.98 8.67
N PRO A 300 5.36 -21.99 9.20
CA PRO A 300 6.53 -21.27 8.67
C PRO A 300 7.90 -21.97 8.88
N PRO A 301 9.01 -21.59 8.20
CA PRO A 301 10.30 -22.27 8.45
C PRO A 301 10.77 -22.10 9.90
N VAL A 302 11.37 -23.15 10.49
CA VAL A 302 11.90 -23.12 11.86
C VAL A 302 13.10 -22.15 11.88
N TYR A 303 12.82 -20.88 12.18
CA TYR A 303 13.87 -19.86 12.22
C TYR A 303 13.87 -19.10 13.53
N LEU A 304 15.07 -19.01 14.14
CA LEU A 304 15.31 -18.30 15.38
C LEU A 304 16.57 -17.43 15.27
N ASP A 305 16.41 -16.12 15.56
CA ASP A 305 17.49 -15.13 15.58
C ASP A 305 18.32 -15.31 16.87
C5 6K2 B . -6.38 6.20 5.53
C6 6K2 B . -7.39 5.41 5.02
C7 6K2 B . -7.89 5.31 3.64
C10 6K2 B . -7.27 7.59 2.87
C13 6K2 B . -6.96 6.77 0.29
C15 6K2 B . -6.20 5.33 -1.46
C17 6K2 B . -6.14 5.27 -2.99
C20 6K2 B . -5.76 1.51 -3.67
C21 6K2 B . -4.54 1.52 -4.44
C22 6K2 B . -3.93 0.30 -4.88
C24 6K2 B . -3.89 2.72 -4.77
C26 6K2 B . -7.37 5.81 1.23
C28 6K2 B . -8.91 3.76 6.44
C1 6K2 B . -3.75 6.09 7.32
C2 6K2 B . -5.12 6.46 7.75
C3 6K2 B . -5.33 7.92 8.17
N4 6K2 B . -6.14 5.91 6.83
O8 6K2 B . -8.63 4.41 3.36
C9 6K2 B . -7.48 6.20 2.56
N11 6K2 B . -6.91 8.47 1.96
C12 6K2 B . -6.75 8.13 0.67
N14 6K2 B . -6.77 6.48 -1.05
O16 6K2 B . -5.79 4.40 -0.69
C18 6K2 B . -5.59 3.93 -3.51
C19 6K2 B . -6.27 2.76 -3.21
N23 6K2 B . -3.46 -0.64 -5.22
C25 6K2 B . -4.41 3.94 -4.29
C27 6K2 B . -7.87 4.65 6.19
N29 6K2 B . -9.11 3.25 7.65
C30 6K2 B . -8.32 3.60 8.68
N31 6K2 B . -7.31 4.49 8.54
C32 6K2 B . -7.05 5.01 7.31
#